data_4EW3
#
_entry.id   4EW3
#
_cell.length_a   78.124
_cell.length_b   78.124
_cell.length_c   230.048
_cell.angle_alpha   90.000
_cell.angle_beta   90.000
_cell.angle_gamma   120.000
#
_symmetry.space_group_name_H-M   'P 65 2 2'
#
loop_
_entity.id
_entity.type
_entity.pdbx_description
1 polymer 'Trifunctional purine biosynthetic protein adenosine-3'
2 non-polymer 'PHOSPHATE ION'
3 non-polymer 'SULFATE ION'
4 non-polymer 'N-({4-[(1R)-4-(2,4-diamino-6-oxo-1,6-dihydropyrimidin-5-yl)-1-(methylsulfanyl)butyl]phenyl}carbonyl)-L-glutamic acid'
5 water water
#
_entity_poly.entity_id   1
_entity_poly.type   'polypeptide(L)'
_entity_poly.pdbx_seq_one_letter_code
;ARVAVLISGTGSNLQALIDSTREPNSSAQIDIVISNKAAVAGLDKAERAGIPTRVINHKLYKNRVEFDSAIDLVLEEFSI
DIVCLAGFMRILSGPFVQKWNGKMLNIHPSLLPSFKGSNAHEQALETGVTVTGCTVHFVAEDVDAGQIILQEAVPVKRGD
TVATLSERVKLAEHKIFPAALQLVASGTVQLGENGKICWVKEEHHHHHH
;
_entity_poly.pdbx_strand_id   A
#
# COMPACT_ATOMS: atom_id res chain seq x y z
N ALA A 1 -11.13 -11.69 1.45
CA ALA A 1 -11.15 -10.34 2.04
C ALA A 1 -11.42 -9.36 0.89
N ARG A 2 -12.26 -8.39 1.19
CA ARG A 2 -12.64 -7.33 0.24
C ARG A 2 -11.68 -6.15 0.43
N VAL A 3 -11.10 -5.69 -0.67
CA VAL A 3 -9.99 -4.73 -0.60
C VAL A 3 -10.30 -3.44 -1.34
N ALA A 4 -10.05 -2.31 -0.69
CA ALA A 4 -10.08 -0.97 -1.30
C ALA A 4 -8.66 -0.47 -1.52
N VAL A 5 -8.48 0.28 -2.59
CA VAL A 5 -7.20 0.96 -2.84
C VAL A 5 -7.52 2.46 -2.91
N LEU A 6 -6.80 3.25 -2.13
CA LEU A 6 -6.92 4.69 -2.09
C LEU A 6 -5.74 5.26 -2.89
N ILE A 7 -6.07 6.19 -3.75
CA ILE A 7 -5.11 6.81 -4.70
C ILE A 7 -5.32 8.30 -4.80
N SER A 8 -4.29 8.97 -5.34
CA SER A 8 -4.42 10.39 -5.68
C SER A 8 -3.99 10.70 -7.12
N GLY A 9 -3.42 9.70 -7.78
CA GLY A 9 -2.77 9.91 -9.10
C GLY A 9 -2.78 8.65 -9.93
N THR A 10 -1.58 8.15 -10.26
CA THR A 10 -1.43 7.09 -11.22
C THR A 10 -1.75 5.71 -10.68
N GLY A 11 -1.91 5.63 -9.36
CA GLY A 11 -2.14 4.31 -8.76
C GLY A 11 -1.02 3.33 -9.03
N SER A 12 0.19 3.74 -8.70
CA SER A 12 1.34 2.85 -8.86
C SER A 12 1.09 1.57 -8.04
N ASN A 13 1.33 0.44 -8.71
CA ASN A 13 1.18 -0.92 -8.19
C ASN A 13 -0.25 -1.44 -8.20
N LEU A 14 -1.18 -0.60 -8.63
CA LEU A 14 -2.61 -1.04 -8.66
C LEU A 14 -2.81 -2.22 -9.61
N GLN A 15 -2.19 -2.17 -10.79
CA GLN A 15 -2.35 -3.29 -11.70
C GLN A 15 -1.70 -4.55 -11.15
N ALA A 16 -0.59 -4.38 -10.44
CA ALA A 16 0.08 -5.53 -9.84
C ALA A 16 -0.89 -6.17 -8.83
N LEU A 17 -1.53 -5.33 -8.07
CA LEU A 17 -2.46 -5.79 -7.03
C LEU A 17 -3.64 -6.47 -7.71
N ILE A 18 -4.19 -5.82 -8.74
CA ILE A 18 -5.35 -6.42 -9.44
C ILE A 18 -5.00 -7.80 -10.01
N ASP A 19 -3.86 -7.90 -10.69
CA ASP A 19 -3.47 -9.13 -11.35
C ASP A 19 -3.34 -10.25 -10.28
N SER A 20 -2.79 -9.90 -9.13
CA SER A 20 -2.58 -10.91 -8.08
CA SER A 20 -2.58 -10.90 -8.07
C SER A 20 -3.90 -11.49 -7.57
N THR A 21 -4.91 -10.63 -7.46
CA THR A 21 -6.24 -11.05 -6.93
C THR A 21 -6.97 -11.95 -7.88
N ARG A 22 -6.50 -12.01 -9.12
CA ARG A 22 -7.17 -12.82 -10.13
C ARG A 22 -6.48 -14.15 -10.25
N GLU A 23 -5.44 -14.36 -9.46
CA GLU A 23 -4.79 -15.67 -9.39
C GLU A 23 -5.73 -16.65 -8.68
N PRO A 24 -5.66 -17.94 -9.06
CA PRO A 24 -6.45 -19.07 -8.55
C PRO A 24 -6.73 -19.06 -7.05
N ASN A 25 -5.68 -18.97 -6.25
CA ASN A 25 -5.85 -19.12 -4.80
C ASN A 25 -5.80 -17.80 -4.04
N SER A 26 -6.17 -16.73 -4.71
CA SER A 26 -6.14 -15.42 -4.05
C SER A 26 -7.09 -15.37 -2.86
N SER A 27 -6.65 -14.72 -1.80
CA SER A 27 -7.48 -14.42 -0.62
C SER A 27 -8.08 -13.02 -0.63
N ALA A 28 -7.84 -12.31 -1.73
CA ALA A 28 -8.25 -10.90 -1.84
C ALA A 28 -8.96 -10.65 -3.15
N GLN A 29 -9.91 -9.72 -3.06
N GLN A 29 -9.91 -9.73 -3.11
CA GLN A 29 -10.56 -9.12 -4.23
CA GLN A 29 -10.45 -9.16 -4.35
C GLN A 29 -10.50 -7.60 -4.13
C GLN A 29 -10.55 -7.64 -4.18
N ILE A 30 -10.18 -6.92 -5.24
CA ILE A 30 -10.20 -5.46 -5.20
C ILE A 30 -11.62 -5.02 -5.57
N ASP A 31 -12.33 -4.43 -4.62
CA ASP A 31 -13.75 -4.15 -4.78
C ASP A 31 -14.07 -2.69 -4.98
N ILE A 32 -13.09 -1.82 -4.72
CA ILE A 32 -13.27 -0.39 -4.94
C ILE A 32 -11.91 0.31 -4.97
N VAL A 33 -11.81 1.32 -5.84
CA VAL A 33 -10.66 2.25 -5.85
C VAL A 33 -11.21 3.65 -5.65
N ILE A 34 -10.70 4.34 -4.64
CA ILE A 34 -11.15 5.65 -4.25
C ILE A 34 -10.03 6.66 -4.45
N SER A 35 -10.32 7.74 -5.17
CA SER A 35 -9.35 8.83 -5.38
C SER A 35 -9.89 10.09 -4.74
N ASN A 36 -9.02 10.98 -4.26
CA ASN A 36 -9.43 12.30 -3.83
C ASN A 36 -9.31 13.30 -5.01
N LYS A 37 -8.87 12.78 -6.15
CA LYS A 37 -8.70 13.62 -7.39
C LYS A 37 -9.38 13.00 -8.59
N ALA A 38 -10.21 13.79 -9.25
CA ALA A 38 -10.92 13.32 -10.45
C ALA A 38 -10.01 13.05 -11.64
N ALA A 39 -10.37 12.04 -12.40
CA ALA A 39 -9.83 11.76 -13.75
C ALA A 39 -8.35 11.49 -13.80
N VAL A 40 -7.82 10.94 -12.70
CA VAL A 40 -6.44 10.52 -12.63
C VAL A 40 -6.27 9.13 -13.23
N ALA A 41 -5.03 8.79 -13.60
CA ALA A 41 -4.77 7.58 -14.34
C ALA A 41 -5.15 6.31 -13.59
N GLY A 42 -5.02 6.37 -12.28
CA GLY A 42 -5.30 5.17 -11.51
C GLY A 42 -6.80 4.80 -11.54
N LEU A 43 -7.64 5.81 -11.68
CA LEU A 43 -9.10 5.55 -11.83
C LEU A 43 -9.36 4.84 -13.13
N ASP A 44 -8.72 5.32 -14.20
CA ASP A 44 -8.88 4.67 -15.50
C ASP A 44 -8.37 3.26 -15.42
N LYS A 45 -7.28 2.98 -14.70
CA LYS A 45 -6.82 1.60 -14.55
C LYS A 45 -7.90 0.70 -13.92
N ALA A 46 -8.48 1.22 -12.86
CA ALA A 46 -9.50 0.48 -12.10
C ALA A 46 -10.74 0.23 -12.97
N GLU A 47 -11.18 1.29 -13.64
CA GLU A 47 -12.39 1.26 -14.48
C GLU A 47 -12.21 0.29 -15.64
N ARG A 48 -11.04 0.32 -16.29
CA ARG A 48 -10.73 -0.62 -17.33
C ARG A 48 -10.73 -2.07 -16.85
N ALA A 49 -10.42 -2.29 -15.58
CA ALA A 49 -10.46 -3.62 -14.96
C ALA A 49 -11.86 -4.01 -14.43
N GLY A 50 -12.81 -3.12 -14.57
CA GLY A 50 -14.19 -3.39 -14.13
C GLY A 50 -14.42 -3.23 -12.62
N ILE A 51 -13.55 -2.49 -11.98
CA ILE A 51 -13.65 -2.21 -10.55
C ILE A 51 -14.33 -0.88 -10.28
N PRO A 52 -15.30 -0.87 -9.38
CA PRO A 52 -15.93 0.36 -9.00
C PRO A 52 -14.94 1.38 -8.48
N THR A 53 -15.26 2.63 -8.76
CA THR A 53 -14.49 3.77 -8.30
C THR A 53 -15.34 4.87 -7.71
N ARG A 54 -14.74 5.63 -6.84
CA ARG A 54 -15.35 6.81 -6.27
C ARG A 54 -14.31 7.92 -6.19
N VAL A 55 -14.79 9.16 -6.28
CA VAL A 55 -13.94 10.34 -6.10
C VAL A 55 -14.51 11.18 -4.96
N ILE A 56 -13.67 11.45 -3.97
CA ILE A 56 -14.06 12.24 -2.80
C ILE A 56 -13.14 13.43 -2.68
N ASN A 57 -13.72 14.60 -2.86
CA ASN A 57 -12.96 15.85 -2.96
C ASN A 57 -12.81 16.51 -1.62
N HIS A 58 -11.59 16.59 -1.12
CA HIS A 58 -11.42 17.11 0.24
C HIS A 58 -11.90 18.53 0.40
N LYS A 59 -11.97 19.28 -0.69
CA LYS A 59 -12.40 20.68 -0.61
C LYS A 59 -13.89 20.85 -0.32
N LEU A 60 -14.64 19.76 -0.31
CA LEU A 60 -16.06 19.83 -0.05
C LEU A 60 -16.38 19.62 1.43
N TYR A 61 -15.33 19.40 2.20
CA TYR A 61 -15.46 19.10 3.65
C TYR A 61 -14.73 20.15 4.46
N LYS A 62 -15.22 20.44 5.66
CA LYS A 62 -14.71 21.59 6.41
C LYS A 62 -13.35 21.28 7.00
N ASN A 63 -13.05 20.01 7.20
CA ASN A 63 -11.75 19.60 7.75
C ASN A 63 -11.36 18.16 7.44
N ARG A 64 -10.20 17.76 7.91
CA ARG A 64 -9.61 16.47 7.58
C ARG A 64 -10.48 15.33 8.13
N VAL A 65 -11.00 15.47 9.34
CA VAL A 65 -11.80 14.37 9.90
C VAL A 65 -13.10 14.13 9.13
N GLU A 66 -13.75 15.21 8.71
CA GLU A 66 -14.98 15.11 7.96
C GLU A 66 -14.73 14.46 6.61
N PHE A 67 -13.60 14.83 6.02
CA PHE A 67 -13.18 14.25 4.73
C PHE A 67 -12.91 12.76 4.88
N ASP A 68 -12.14 12.41 5.89
CA ASP A 68 -11.79 10.98 6.12
C ASP A 68 -13.02 10.17 6.50
N SER A 69 -13.95 10.81 7.19
CA SER A 69 -15.20 10.14 7.56
C SER A 69 -16.03 9.83 6.30
N ALA A 70 -15.95 10.71 5.29
CA ALA A 70 -16.61 10.44 4.03
C ALA A 70 -15.98 9.25 3.31
N ILE A 71 -14.64 9.15 3.36
CA ILE A 71 -13.95 8.00 2.81
C ILE A 71 -14.41 6.74 3.54
N ASP A 72 -14.38 6.83 4.85
CA ASP A 72 -14.78 5.66 5.67
C ASP A 72 -16.21 5.19 5.35
N LEU A 73 -17.10 6.14 5.10
CA LEU A 73 -18.48 5.79 4.83
C LEU A 73 -18.55 4.97 3.54
N VAL A 74 -17.77 5.36 2.50
CA VAL A 74 -17.75 4.55 1.30
C VAL A 74 -17.20 3.13 1.55
N LEU A 75 -16.13 3.07 2.33
CA LEU A 75 -15.51 1.80 2.67
C LEU A 75 -16.54 0.92 3.39
N GLU A 76 -17.35 1.55 4.24
CA GLU A 76 -18.46 0.89 5.05
CA GLU A 76 -18.31 0.71 4.96
C GLU A 76 -19.50 0.32 4.06
N GLU A 77 -19.92 1.18 3.14
CA GLU A 77 -20.94 0.81 2.13
C GLU A 77 -20.53 -0.37 1.29
N PHE A 78 -19.23 -0.45 0.98
CA PHE A 78 -18.68 -1.52 0.16
C PHE A 78 -18.17 -2.73 0.96
N SER A 79 -18.44 -2.70 2.25
CA SER A 79 -18.12 -3.84 3.15
C SER A 79 -16.62 -4.21 3.06
N ILE A 80 -15.78 -3.18 3.03
CA ILE A 80 -14.35 -3.39 2.85
C ILE A 80 -13.69 -3.87 4.14
N ASP A 81 -12.79 -4.82 3.96
CA ASP A 81 -12.02 -5.43 5.06
C ASP A 81 -10.60 -4.86 5.24
N ILE A 82 -10.00 -4.51 4.10
CA ILE A 82 -8.56 -4.12 4.03
C ILE A 82 -8.40 -2.95 3.06
N VAL A 83 -7.60 -1.98 3.46
CA VAL A 83 -7.26 -0.83 2.60
C VAL A 83 -5.79 -0.90 2.19
N CYS A 84 -5.51 -0.68 0.90
CA CYS A 84 -4.13 -0.44 0.45
C CYS A 84 -4.04 1.01 -0.02
N LEU A 85 -2.96 1.69 0.36
CA LEU A 85 -2.70 3.03 -0.18
C LEU A 85 -1.76 2.86 -1.34
N ALA A 86 -2.10 3.55 -2.43
CA ALA A 86 -1.25 3.54 -3.63
C ALA A 86 -1.13 4.99 -4.14
N GLY A 87 -0.15 5.68 -3.57
CA GLY A 87 0.08 7.08 -3.90
C GLY A 87 -1.00 7.99 -3.41
N PHE A 88 -1.56 7.70 -2.21
CA PHE A 88 -2.54 8.57 -1.63
C PHE A 88 -1.89 9.75 -0.91
N MET A 89 -2.18 10.97 -1.36
CA MET A 89 -1.40 12.14 -0.93
C MET A 89 -2.04 13.03 0.11
N ARG A 90 -3.02 12.51 0.85
CA ARG A 90 -3.58 13.27 1.94
C ARG A 90 -3.28 12.49 3.20
N ILE A 91 -2.79 13.20 4.22
CA ILE A 91 -2.56 12.61 5.53
C ILE A 91 -3.90 12.26 6.14
N LEU A 92 -4.02 10.99 6.51
CA LEU A 92 -5.24 10.48 7.11
C LEU A 92 -5.23 10.80 8.60
N SER A 93 -6.39 11.25 9.10
CA SER A 93 -6.63 11.63 10.50
C SER A 93 -6.32 10.49 11.47
N GLY A 94 -6.00 10.86 12.71
CA GLY A 94 -5.81 9.87 13.77
C GLY A 94 -7.01 8.94 13.91
N PRO A 95 -8.24 9.49 13.96
CA PRO A 95 -9.39 8.57 14.08
C PRO A 95 -9.51 7.57 12.93
N PHE A 96 -9.25 7.99 11.68
CA PHE A 96 -9.29 7.06 10.60
C PHE A 96 -8.23 5.96 10.74
N VAL A 97 -7.00 6.36 11.03
CA VAL A 97 -5.90 5.39 11.08
C VAL A 97 -6.12 4.37 12.19
N GLN A 98 -6.69 4.86 13.27
CA GLN A 98 -6.98 4.01 14.48
C GLN A 98 -8.02 2.96 14.11
N LYS A 99 -9.08 3.41 13.46
CA LYS A 99 -10.12 2.50 13.04
C LYS A 99 -9.58 1.39 12.16
N TRP A 100 -8.67 1.77 11.24
CA TRP A 100 -8.22 0.83 10.23
C TRP A 100 -6.91 0.17 10.64
N ASN A 101 -6.55 0.34 11.90
CA ASN A 101 -5.29 -0.20 12.43
C ASN A 101 -5.19 -1.69 12.23
N GLY A 102 -4.11 -2.11 11.56
CA GLY A 102 -3.90 -3.51 11.26
C GLY A 102 -4.64 -4.01 10.07
N LYS A 103 -5.29 -3.12 9.34
N LYS A 103 -5.27 -3.06 9.39
CA LYS A 103 -5.97 -3.56 8.12
CA LYS A 103 -6.16 -3.31 8.26
C LYS A 103 -5.65 -2.66 6.93
C LYS A 103 -5.87 -2.38 7.08
N MET A 104 -4.75 -1.69 7.15
CA MET A 104 -4.38 -0.73 6.07
C MET A 104 -2.86 -0.74 5.85
N LEU A 105 -2.49 -0.93 4.59
CA LEU A 105 -1.10 -1.19 4.22
C LEU A 105 -0.66 -0.19 3.19
N ASN A 106 0.63 0.12 3.21
N ASN A 106 0.64 0.13 3.20
CA ASN A 106 1.22 0.93 2.14
CA ASN A 106 1.25 0.97 2.15
C ASN A 106 2.67 0.57 1.90
C ASN A 106 2.61 0.44 1.78
N ILE A 107 3.24 1.11 0.80
CA ILE A 107 4.59 0.72 0.37
C ILE A 107 5.44 1.97 0.20
N HIS A 108 6.74 1.80 0.42
CA HIS A 108 7.69 2.89 0.35
C HIS A 108 8.94 2.34 -0.32
N PRO A 109 9.52 3.12 -1.25
CA PRO A 109 10.63 2.65 -2.06
C PRO A 109 11.98 2.83 -1.36
N SER A 110 12.04 2.39 -0.11
CA SER A 110 13.31 2.21 0.60
C SER A 110 13.15 1.06 1.56
N LEU A 111 14.27 0.64 2.11
CA LEU A 111 14.33 -0.23 3.32
C LEU A 111 14.18 0.65 4.53
N LEU A 112 12.95 0.84 4.95
CA LEU A 112 12.72 1.67 6.11
C LEU A 112 13.43 1.02 7.27
N PRO A 113 13.95 1.83 8.19
CA PRO A 113 13.77 3.24 8.41
C PRO A 113 14.65 4.21 7.64
N SER A 114 15.42 3.71 6.70
CA SER A 114 16.21 4.62 5.83
C SER A 114 15.31 5.36 4.87
N PHE A 115 15.75 6.59 4.54
CA PHE A 115 15.20 7.37 3.40
C PHE A 115 13.69 7.53 3.50
N LYS A 116 13.30 8.04 4.65
CA LYS A 116 11.92 8.46 4.90
C LYS A 116 11.58 9.62 3.99
N GLY A 117 10.30 9.80 3.76
CA GLY A 117 9.80 10.94 3.00
C GLY A 117 9.87 10.76 1.50
N SER A 118 9.82 11.89 0.82
CA SER A 118 9.75 11.86 -0.62
C SER A 118 11.13 11.68 -1.21
N ASN A 119 11.13 11.26 -2.45
CA ASN A 119 12.35 11.17 -3.25
C ASN A 119 13.37 10.18 -2.68
N ALA A 120 12.88 9.04 -2.21
CA ALA A 120 13.78 8.05 -1.61
C ALA A 120 14.83 7.48 -2.56
N HIS A 121 14.55 7.48 -3.87
CA HIS A 121 15.50 6.91 -4.82
C HIS A 121 16.67 7.91 -4.95
N GLU A 122 16.34 9.20 -5.10
CA GLU A 122 17.38 10.26 -5.09
C GLU A 122 18.18 10.24 -3.78
N GLN A 123 17.50 9.99 -2.67
CA GLN A 123 18.20 9.98 -1.38
C GLN A 123 19.23 8.88 -1.35
N ALA A 124 18.86 7.70 -1.87
CA ALA A 124 19.72 6.53 -1.92
C ALA A 124 20.93 6.82 -2.76
N LEU A 125 20.69 7.43 -3.92
CA LEU A 125 21.80 7.71 -4.84
C LEU A 125 22.71 8.78 -4.25
N GLU A 126 22.16 9.82 -3.65
CA GLU A 126 22.96 10.88 -3.08
C GLU A 126 23.81 10.34 -1.96
N THR A 127 23.23 9.43 -1.18
CA THR A 127 23.91 8.88 -0.02
C THR A 127 25.00 7.89 -0.39
N GLY A 128 24.84 7.22 -1.51
CA GLY A 128 25.80 6.24 -2.00
C GLY A 128 25.72 4.84 -1.43
N VAL A 129 24.54 4.45 -0.94
CA VAL A 129 24.31 3.06 -0.61
C VAL A 129 24.46 2.16 -1.83
N THR A 130 24.85 0.93 -1.58
CA THR A 130 24.89 -0.10 -2.61
C THR A 130 23.67 -1.02 -2.56
N VAL A 131 22.91 -0.93 -1.48
CA VAL A 131 21.66 -1.73 -1.30
C VAL A 131 20.58 -0.81 -0.86
N THR A 132 19.46 -0.80 -1.60
CA THR A 132 18.25 -0.13 -1.13
C THR A 132 17.14 -1.20 -1.21
N GLY A 133 15.89 -0.77 -1.40
CA GLY A 133 14.81 -1.75 -1.55
C GLY A 133 13.47 -1.08 -1.34
N CYS A 134 12.47 -1.90 -1.00
CA CYS A 134 11.15 -1.38 -0.72
C CYS A 134 10.57 -2.12 0.49
N THR A 135 9.64 -1.43 1.10
CA THR A 135 9.03 -1.84 2.38
C THR A 135 7.50 -1.69 2.30
N VAL A 136 6.79 -2.77 2.65
CA VAL A 136 5.34 -2.74 2.84
C VAL A 136 5.13 -2.76 4.36
N HIS A 137 4.35 -1.82 4.83
CA HIS A 137 4.03 -1.69 6.26
C HIS A 137 2.58 -1.35 6.52
N PHE A 138 2.13 -1.68 7.73
CA PHE A 138 0.86 -1.15 8.17
C PHE A 138 0.98 0.35 8.35
N VAL A 139 -0.07 1.07 7.99
CA VAL A 139 -0.14 2.49 8.12
C VAL A 139 -0.39 2.93 9.57
N ALA A 140 0.44 3.88 10.00
CA ALA A 140 0.36 4.56 11.29
C ALA A 140 0.04 6.02 11.12
N GLU A 141 -0.21 6.70 12.23
CA GLU A 141 -0.56 8.13 12.16
C GLU A 141 0.59 8.92 11.56
N ASP A 142 1.79 8.63 12.05
CA ASP A 142 3.04 9.21 11.52
C ASP A 142 3.44 8.58 10.21
N VAL A 143 3.71 9.40 9.22
CA VAL A 143 4.17 8.91 7.91
C VAL A 143 5.44 8.07 8.08
N ASP A 144 5.50 6.98 7.33
CA ASP A 144 6.65 6.04 7.27
C ASP A 144 6.85 5.20 8.54
N ALA A 145 6.08 5.49 9.58
CA ALA A 145 6.04 4.70 10.81
C ALA A 145 5.01 3.60 10.57
N GLY A 146 4.91 2.61 11.46
CA GLY A 146 3.99 1.51 11.25
C GLY A 146 4.71 0.21 11.03
N GLN A 147 4.14 -0.86 11.54
CA GLN A 147 4.83 -2.14 11.57
C GLN A 147 5.08 -2.75 10.22
N ILE A 148 6.32 -3.16 10.00
CA ILE A 148 6.74 -3.74 8.74
C ILE A 148 6.25 -5.14 8.51
N ILE A 149 5.70 -5.35 7.33
CA ILE A 149 5.21 -6.67 6.89
C ILE A 149 6.20 -7.40 6.04
N LEU A 150 6.63 -6.78 4.92
CA LEU A 150 7.62 -7.38 4.04
C LEU A 150 8.60 -6.29 3.57
N GLN A 151 9.82 -6.75 3.31
CA GLN A 151 10.88 -5.93 2.66
C GLN A 151 11.63 -6.75 1.65
N GLU A 152 12.12 -6.10 0.58
N GLU A 152 12.18 -6.04 0.66
CA GLU A 152 12.97 -6.79 -0.37
CA GLU A 152 12.91 -6.65 -0.39
C GLU A 152 14.08 -5.86 -0.78
C GLU A 152 14.10 -5.75 -0.64
N ALA A 153 15.30 -6.33 -0.56
CA ALA A 153 16.51 -5.60 -0.90
C ALA A 153 16.68 -5.57 -2.41
N VAL A 154 17.16 -4.43 -2.88
CA VAL A 154 17.41 -4.19 -4.31
C VAL A 154 18.79 -3.52 -4.45
N PRO A 155 19.62 -4.02 -5.36
CA PRO A 155 20.94 -3.40 -5.52
C PRO A 155 20.88 -2.03 -6.20
N VAL A 156 21.79 -1.16 -5.80
CA VAL A 156 22.10 0.05 -6.57
C VAL A 156 23.26 -0.33 -7.46
N LYS A 157 23.14 -0.01 -8.74
CA LYS A 157 24.17 -0.40 -9.73
C LYS A 157 24.97 0.82 -10.11
N ARG A 158 26.26 0.61 -10.27
CA ARG A 158 27.14 1.68 -10.72
CA ARG A 158 27.15 1.65 -10.73
CA ARG A 158 27.15 1.67 -10.70
C ARG A 158 26.54 2.26 -11.98
N GLY A 159 26.33 3.55 -11.94
CA GLY A 159 25.84 4.26 -13.12
C GLY A 159 24.37 4.49 -13.13
N ASP A 160 23.70 3.95 -12.12
CA ASP A 160 22.27 4.16 -12.01
C ASP A 160 21.90 5.61 -12.00
N THR A 161 20.78 5.91 -12.65
CA THR A 161 20.11 7.18 -12.51
C THR A 161 18.88 7.03 -11.63
N VAL A 162 18.25 8.13 -11.23
CA VAL A 162 16.97 8.04 -10.50
C VAL A 162 16.04 7.12 -11.28
N ALA A 163 16.02 7.26 -12.60
CA ALA A 163 15.10 6.47 -13.41
C ALA A 163 15.40 4.98 -13.41
N THR A 164 16.68 4.59 -13.54
CA THR A 164 16.98 3.17 -13.68
C THR A 164 16.83 2.49 -12.30
N LEU A 165 17.17 3.21 -11.26
CA LEU A 165 17.04 2.66 -9.88
C LEU A 165 15.54 2.53 -9.57
N SER A 166 14.79 3.57 -9.92
CA SER A 166 13.34 3.61 -9.70
CA SER A 166 13.34 3.61 -9.72
C SER A 166 12.67 2.42 -10.37
N GLU A 167 13.10 2.15 -11.61
N GLU A 167 13.06 2.10 -11.60
N GLU A 167 13.04 2.07 -11.61
CA GLU A 167 12.62 1.03 -12.42
CA GLU A 167 12.42 0.99 -12.28
CA GLU A 167 12.36 0.96 -12.30
C GLU A 167 12.74 -0.25 -11.61
C GLU A 167 12.71 -0.32 -11.54
C GLU A 167 12.74 -0.39 -11.67
N ARG A 168 13.96 -0.47 -11.14
CA ARG A 168 14.38 -1.71 -10.49
C ARG A 168 13.60 -1.89 -9.18
N VAL A 169 13.46 -0.82 -8.41
CA VAL A 169 12.73 -0.89 -7.13
C VAL A 169 11.24 -1.18 -7.45
N LYS A 170 10.75 -0.64 -8.56
CA LYS A 170 9.33 -0.80 -8.90
C LYS A 170 9.00 -2.25 -9.20
N LEU A 171 9.95 -2.91 -9.83
CA LEU A 171 9.80 -4.32 -10.14
C LEU A 171 9.71 -5.13 -8.82
N ALA A 172 10.45 -4.70 -7.81
CA ALA A 172 10.42 -5.38 -6.50
C ALA A 172 9.04 -5.07 -5.84
N GLU A 173 8.61 -3.83 -5.95
CA GLU A 173 7.29 -3.41 -5.40
C GLU A 173 6.18 -4.24 -6.02
N HIS A 174 6.25 -4.46 -7.32
CA HIS A 174 5.23 -5.26 -8.04
C HIS A 174 5.14 -6.67 -7.46
N LYS A 175 6.23 -7.11 -6.84
N LYS A 175 6.21 -7.12 -6.82
CA LYS A 175 6.29 -8.44 -6.22
CA LYS A 175 6.23 -8.45 -6.23
C LYS A 175 5.74 -8.41 -4.79
C LYS A 175 5.75 -8.42 -4.79
N ILE A 176 6.33 -7.53 -3.99
CA ILE A 176 6.03 -7.52 -2.55
C ILE A 176 4.73 -6.87 -2.12
N PHE A 177 4.21 -5.88 -2.83
CA PHE A 177 2.92 -5.27 -2.44
C PHE A 177 1.82 -6.35 -2.54
N PRO A 178 1.76 -7.07 -3.67
CA PRO A 178 0.69 -8.11 -3.71
C PRO A 178 0.94 -9.27 -2.74
N ALA A 179 2.22 -9.64 -2.58
CA ALA A 179 2.56 -10.71 -1.62
C ALA A 179 2.10 -10.34 -0.20
N ALA A 180 2.33 -9.10 0.21
CA ALA A 180 1.94 -8.61 1.53
C ALA A 180 0.42 -8.56 1.63
N LEU A 181 -0.24 -8.07 0.57
CA LEU A 181 -1.72 -8.06 0.62
C LEU A 181 -2.25 -9.48 0.83
N GLN A 182 -1.67 -10.46 0.14
CA GLN A 182 -2.20 -11.82 0.26
CA GLN A 182 -2.15 -11.83 0.25
C GLN A 182 -1.98 -12.33 1.69
N LEU A 183 -0.84 -11.98 2.28
CA LEU A 183 -0.56 -12.38 3.68
C LEU A 183 -1.59 -11.82 4.64
N VAL A 184 -1.93 -10.55 4.45
CA VAL A 184 -2.89 -9.89 5.34
C VAL A 184 -4.32 -10.37 5.03
N ALA A 185 -4.64 -10.55 3.76
CA ALA A 185 -5.99 -10.94 3.34
C ALA A 185 -6.31 -12.39 3.81
N SER A 186 -5.30 -13.26 3.81
CA SER A 186 -5.48 -14.69 4.16
C SER A 186 -5.55 -14.83 5.66
N GLY A 187 -5.14 -13.79 6.36
CA GLY A 187 -4.95 -13.82 7.80
C GLY A 187 -3.63 -14.44 8.33
N THR A 188 -2.74 -14.81 7.42
CA THR A 188 -1.42 -15.39 7.73
C THR A 188 -0.62 -14.37 8.52
N VAL A 189 -0.72 -13.11 8.12
CA VAL A 189 -0.11 -12.05 8.89
C VAL A 189 -1.15 -11.16 9.42
N GLN A 190 -1.13 -10.97 10.74
N GLN A 190 -0.93 -10.84 10.69
CA GLN A 190 -2.12 -10.13 11.42
CA GLN A 190 -1.84 -10.04 11.42
C GLN A 190 -1.30 -9.27 12.38
C GLN A 190 -1.10 -9.09 12.31
N LEU A 191 -1.83 -8.11 12.76
CA LEU A 191 -1.23 -7.22 13.74
C LEU A 191 -1.68 -7.70 15.14
N GLY A 192 -0.71 -8.08 15.97
CA GLY A 192 -1.03 -8.50 17.36
C GLY A 192 -1.59 -7.42 18.24
N GLU A 193 -2.22 -7.83 19.34
CA GLU A 193 -2.75 -6.87 20.33
CA GLU A 193 -2.76 -6.80 20.22
C GLU A 193 -1.61 -6.05 20.90
N ASN A 194 -0.42 -6.63 20.88
CA ASN A 194 0.77 -5.94 21.39
C ASN A 194 1.36 -4.95 20.35
N GLY A 195 0.73 -4.86 19.20
CA GLY A 195 1.19 -3.89 18.21
C GLY A 195 2.35 -4.35 17.37
N LYS A 196 2.71 -5.62 17.49
CA LYS A 196 3.73 -6.25 16.66
CA LYS A 196 3.73 -6.24 16.65
C LYS A 196 3.09 -7.23 15.70
N ILE A 197 3.79 -7.46 14.59
CA ILE A 197 3.39 -8.45 13.61
C ILE A 197 3.28 -9.85 14.23
N CYS A 198 2.23 -10.57 13.83
CA CYS A 198 1.96 -11.93 14.23
CA CYS A 198 2.02 -11.99 14.18
C CYS A 198 1.84 -12.79 12.97
N TRP A 199 2.65 -13.85 12.87
CA TRP A 199 2.52 -14.80 11.77
C TRP A 199 1.66 -15.94 12.34
N VAL A 200 0.47 -16.15 11.77
CA VAL A 200 -0.56 -17.03 12.34
C VAL A 200 -0.64 -18.31 11.55
N LYS A 201 -0.74 -19.42 12.25
CA LYS A 201 -1.05 -20.69 11.62
C LYS A 201 -2.56 -20.84 11.61
N GLU A 202 -3.15 -20.98 10.43
CA GLU A 202 -4.60 -20.98 10.33
CA GLU A 202 -4.61 -20.99 10.24
C GLU A 202 -5.23 -22.35 10.51
N GLU A 203 -6.36 -22.33 11.19
CA GLU A 203 -7.06 -23.57 11.48
C GLU A 203 -7.48 -24.30 10.25
N HIS A 204 -7.96 -23.55 9.26
CA HIS A 204 -8.53 -24.18 8.10
C HIS A 204 -7.41 -24.62 7.17
N HIS A 205 -7.48 -25.90 6.80
CA HIS A 205 -6.48 -26.53 5.91
C HIS A 205 -7.11 -26.86 4.57
#